data_5N1X
#
_entry.id   5N1X
#
_cell.length_a   47.936
_cell.length_b   47.936
_cell.length_c   198.946
_cell.angle_alpha   90.00
_cell.angle_beta   90.00
_cell.angle_gamma   90.00
#
_symmetry.space_group_name_H-M   'P 43'
#
loop_
_entity.id
_entity.type
_entity.pdbx_description
1 polymer 'B-cell lymphoma 6 protein'
2 polymer 'B-cell lymphoma 6 protein'
3 polymer 'B-cell lymphoma 6 protein'
4 non-polymer ~{N}-ethyl-5-pyridin-3-yl-pyrazolo[1,5-a]pyrimidin-7-amine
5 water water
#
loop_
_entity_poly.entity_id
_entity_poly.type
_entity_poly.pdbx_seq_one_letter_code
_entity_poly.pdbx_strand_id
1 'polypeptide(L)'
;QIQFTRHASDVLLNLNRLRSRDILTDVVIVVSREQFRAHKTVLMACSGLFYSIFTDQLKRNLSVINLDPEINPEGFNILL
DFMYTSRLNLREGNIMAVMATAMYLQMEHVVDTARKFIKAS
;
A
2 'polypeptide(L)'
;SQIQFTRHASDVLLNLNRLRSRDILTDVVIVVSREQFRAHKTVLMACSGLFYSIFTDQLKRNLSVINLDPEINPEGFNIL
LDFMYTSRLNLREGNIMAVMATAMYLQMEHVVDTARKFIKA
;
B,C
3 'polypeptide(L)'
;QIQFTRHASDVLLNLNRLRSRDILTDVVIVVSREQFRAHKTVLMACSGLFYSIFTDQLKRNLSVINLDPEINPEGFNILL
DFMYTSRLNLREGNIMAVMATAMYLQMEHVVDTARKFI
;
D
#
loop_
_chem_comp.id
_chem_comp.type
_chem_comp.name
_chem_comp.formula
8HH non-polymer ~{N}-ethyl-5-pyridin-3-yl-pyrazolo[1,5-a]pyrimidin-7-amine 'C13 H13 N5'
#
# COMPACT_ATOMS: atom_id res chain seq x y z
N GLN A 1 35.45 -10.19 -2.31
CA GLN A 1 35.66 -10.82 -3.61
C GLN A 1 34.56 -10.53 -4.61
N ILE A 2 33.34 -11.14 -4.46
CA ILE A 2 32.28 -10.89 -5.45
C ILE A 2 31.22 -9.98 -4.91
N GLN A 3 31.04 -8.82 -5.55
CA GLN A 3 30.02 -7.84 -5.19
C GLN A 3 28.74 -8.06 -5.99
N PHE A 4 27.61 -8.15 -5.30
CA PHE A 4 26.27 -8.32 -5.90
C PHE A 4 25.60 -6.95 -5.81
N THR A 5 25.66 -6.17 -6.91
CA THR A 5 25.16 -4.80 -6.88
C THR A 5 23.62 -4.69 -6.80
N ARG A 6 22.88 -5.80 -7.05
CA ARG A 6 21.42 -5.86 -6.94
C ARG A 6 20.94 -6.15 -5.50
N HIS A 7 21.77 -6.85 -4.70
CA HIS A 7 21.43 -7.31 -3.35
C HIS A 7 20.70 -6.26 -2.48
N ALA A 8 21.26 -5.04 -2.36
CA ALA A 8 20.64 -4.01 -1.51
C ALA A 8 19.21 -3.63 -1.94
N SER A 9 18.95 -3.58 -3.25
CA SER A 9 17.62 -3.29 -3.79
C SER A 9 16.62 -4.40 -3.41
N ASP A 10 17.06 -5.67 -3.46
CA ASP A 10 16.22 -6.82 -3.08
C ASP A 10 15.91 -6.78 -1.57
N VAL A 11 16.93 -6.44 -0.74
CA VAL A 11 16.77 -6.27 0.72
C VAL A 11 15.70 -5.22 0.99
N LEU A 12 15.86 -4.03 0.38
CA LEU A 12 14.92 -2.91 0.58
C LEU A 12 13.48 -3.29 0.18
N LEU A 13 13.32 -4.00 -0.96
CA LEU A 13 12.00 -4.48 -1.43
C LEU A 13 11.35 -5.35 -0.34
N ASN A 14 12.13 -6.24 0.27
CA ASN A 14 11.63 -7.12 1.33
C ASN A 14 11.33 -6.35 2.64
N LEU A 15 12.13 -5.32 2.95
CA LEU A 15 11.86 -4.48 4.13
C LEU A 15 10.52 -3.75 3.94
N ASN A 16 10.24 -3.33 2.69
CA ASN A 16 8.97 -2.68 2.38
C ASN A 16 7.80 -3.64 2.51
N ARG A 17 7.99 -4.92 2.12
CA ARG A 17 6.97 -5.96 2.28
C ARG A 17 6.67 -6.18 3.76
N LEU A 18 7.72 -6.14 4.64
CA LEU A 18 7.56 -6.26 6.09
C LEU A 18 6.75 -5.10 6.62
N ARG A 19 7.03 -3.89 6.10
CA ARG A 19 6.27 -2.71 6.53
C ARG A 19 4.79 -2.80 6.17
N SER A 20 4.46 -3.21 4.92
CA SER A 20 3.07 -3.32 4.45
C SER A 20 2.25 -4.34 5.25
N ARG A 21 2.92 -5.37 5.81
CA ARG A 21 2.30 -6.41 6.63
C ARG A 21 2.46 -6.13 8.14
N ASP A 22 3.04 -4.97 8.48
CA ASP A 22 3.30 -4.52 9.86
C ASP A 22 4.13 -5.53 10.68
N ILE A 23 5.10 -6.18 10.04
CA ILE A 23 5.96 -7.16 10.71
C ILE A 23 7.22 -6.49 11.25
N LEU A 24 7.45 -6.66 12.56
CA LEU A 24 8.62 -6.17 13.29
C LEU A 24 8.75 -4.66 13.33
N THR A 25 7.67 -3.93 13.00
CA THR A 25 7.64 -2.45 13.12
C THR A 25 7.73 -2.16 14.63
N ASP A 26 8.58 -1.21 15.03
CA ASP A 26 8.82 -0.94 16.45
C ASP A 26 8.64 0.55 16.86
N VAL A 27 8.09 1.36 15.95
CA VAL A 27 7.83 2.76 16.25
C VAL A 27 6.63 3.27 15.46
N VAL A 28 5.88 4.19 16.08
CA VAL A 28 4.80 4.91 15.42
C VAL A 28 5.25 6.35 15.36
N ILE A 29 5.26 6.93 14.17
CA ILE A 29 5.59 8.34 13.99
C ILE A 29 4.26 9.07 13.86
N VAL A 30 4.04 10.07 14.72
CA VAL A 30 2.81 10.85 14.72
C VAL A 30 3.11 12.21 14.07
N VAL A 31 2.40 12.52 12.98
CA VAL A 31 2.62 13.74 12.18
C VAL A 31 1.28 14.42 12.07
N SER A 32 1.06 15.55 12.77
CA SER A 32 -0.23 16.26 12.77
C SER A 32 -1.42 15.31 12.88
N ARG A 33 -1.46 14.49 13.96
CA ARG A 33 -2.50 13.52 14.28
C ARG A 33 -2.50 12.25 13.41
N GLU A 34 -1.78 12.25 12.29
CA GLU A 34 -1.72 11.06 11.41
C GLU A 34 -0.60 10.13 11.91
N GLN A 35 -0.84 8.81 11.85
CA GLN A 35 0.10 7.80 12.34
C GLN A 35 0.74 6.98 11.26
N PHE A 36 2.05 6.72 11.41
CA PHE A 36 2.83 5.92 10.48
C PHE A 36 3.69 4.93 11.23
N ARG A 37 3.46 3.63 11.01
CA ARG A 37 4.31 2.58 11.61
C ARG A 37 5.56 2.39 10.75
N ALA A 38 6.70 2.13 11.39
CA ALA A 38 7.96 1.92 10.67
C ALA A 38 8.93 1.12 11.51
N HIS A 39 10.10 0.84 10.91
CA HIS A 39 11.21 0.18 11.58
C HIS A 39 12.22 1.26 11.92
N LYS A 40 12.59 1.39 13.22
CA LYS A 40 13.58 2.40 13.65
C LYS A 40 14.88 2.28 12.85
N THR A 41 15.34 1.03 12.57
CA THR A 41 16.58 0.84 11.81
C THR A 41 16.54 1.51 10.44
N VAL A 42 15.40 1.36 9.69
CA VAL A 42 15.26 1.95 8.36
C VAL A 42 15.20 3.48 8.51
N LEU A 43 14.43 3.98 9.47
CA LEU A 43 14.36 5.43 9.71
C LEU A 43 15.73 6.04 9.98
N MET A 44 16.51 5.41 10.86
CA MET A 44 17.88 5.87 11.19
C MET A 44 18.78 5.84 9.96
N ALA A 45 18.67 4.77 9.14
CA ALA A 45 19.51 4.58 7.96
C ALA A 45 19.25 5.61 6.86
N CYS A 46 18.05 6.25 6.87
CA CYS A 46 17.63 7.22 5.84
C CYS A 46 17.68 8.68 6.27
N SER A 47 17.41 8.98 7.53
CA SER A 47 17.19 10.34 8.01
C SER A 47 18.16 10.75 9.11
N GLY A 48 18.82 11.90 8.93
CA GLY A 48 19.71 12.45 9.95
C GLY A 48 18.94 12.77 11.22
N LEU A 49 17.66 13.20 11.08
CA LEU A 49 16.83 13.50 12.25
C LEU A 49 16.55 12.21 13.06
N PHE A 50 16.10 11.14 12.40
CA PHE A 50 15.83 9.89 13.11
C PHE A 50 17.10 9.25 13.64
N TYR A 51 18.20 9.40 12.92
CA TYR A 51 19.50 8.90 13.38
C TYR A 51 19.84 9.58 14.71
N SER A 52 19.69 10.90 14.79
CA SER A 52 19.98 11.68 15.99
CA SER A 52 19.98 11.69 15.99
C SER A 52 19.07 11.32 17.15
N ILE A 53 17.78 11.07 16.88
CA ILE A 53 16.79 10.71 17.89
C ILE A 53 17.12 9.36 18.50
N PHE A 54 17.26 8.32 17.66
CA PHE A 54 17.45 6.97 18.15
C PHE A 54 18.88 6.63 18.54
N THR A 55 19.86 7.50 18.25
CA THR A 55 21.22 7.21 18.70
C THR A 55 21.34 7.61 20.20
N ASP A 56 20.46 8.51 20.68
CA ASP A 56 20.37 8.94 22.07
C ASP A 56 19.80 7.77 22.88
N GLN A 57 20.58 7.25 23.84
CA GLN A 57 20.24 6.12 24.73
C GLN A 57 18.90 6.31 25.46
N LEU A 58 18.53 7.55 25.78
CA LEU A 58 17.26 7.89 26.44
C LEU A 58 16.06 7.77 25.49
N LYS A 59 16.25 8.16 24.20
CA LYS A 59 15.18 8.13 23.21
C LYS A 59 15.12 6.86 22.38
N ARG A 60 16.21 6.06 22.36
CA ARG A 60 16.28 4.83 21.56
C ARG A 60 15.15 3.85 21.83
N ASN A 61 14.68 3.78 23.08
CA ASN A 61 13.64 2.85 23.48
C ASN A 61 12.19 3.36 23.28
N LEU A 62 11.99 4.65 22.91
CA LEU A 62 10.64 5.24 22.66
C LEU A 62 9.95 4.59 21.48
N SER A 63 8.68 4.23 21.63
CA SER A 63 7.91 3.55 20.57
C SER A 63 6.95 4.50 19.86
N VAL A 64 6.91 5.77 20.30
CA VAL A 64 6.09 6.81 19.70
C VAL A 64 6.96 8.05 19.59
N ILE A 65 7.05 8.62 18.37
CA ILE A 65 7.78 9.87 18.13
C ILE A 65 6.81 10.85 17.51
N ASN A 66 6.66 12.03 18.14
CA ASN A 66 5.77 13.07 17.63
C ASN A 66 6.60 14.09 16.93
N LEU A 67 6.34 14.28 15.63
CA LEU A 67 7.11 15.26 14.88
C LEU A 67 6.57 16.67 15.13
N ASP A 68 7.38 17.69 14.76
CA ASP A 68 7.01 19.10 14.86
C ASP A 68 5.61 19.26 14.22
N PRO A 69 4.67 19.97 14.89
CA PRO A 69 3.31 20.11 14.32
C PRO A 69 3.22 20.83 12.98
N GLU A 70 4.29 21.49 12.54
CA GLU A 70 4.31 22.18 11.24
C GLU A 70 4.48 21.23 10.06
N ILE A 71 4.96 19.99 10.31
CA ILE A 71 5.21 18.98 9.26
C ILE A 71 3.92 18.50 8.64
N ASN A 72 3.88 18.51 7.32
CA ASN A 72 2.72 18.08 6.55
C ASN A 72 2.74 16.54 6.45
N PRO A 73 1.66 15.85 6.90
CA PRO A 73 1.65 14.37 6.81
C PRO A 73 1.72 13.81 5.40
N GLU A 74 1.18 14.55 4.39
CA GLU A 74 1.24 14.15 2.97
C GLU A 74 2.73 14.07 2.56
N GLY A 75 3.53 15.07 2.95
CA GLY A 75 4.96 15.06 2.68
C GLY A 75 5.69 13.97 3.42
N PHE A 76 5.31 13.73 4.69
CA PHE A 76 5.95 12.65 5.42
C PHE A 76 5.65 11.30 4.76
N ASN A 77 4.40 11.08 4.31
CA ASN A 77 4.00 9.82 3.66
C ASN A 77 4.85 9.54 2.42
N ILE A 78 5.07 10.58 1.60
CA ILE A 78 5.89 10.45 0.39
C ILE A 78 7.35 10.10 0.78
N LEU A 79 7.88 10.76 1.82
CA LEU A 79 9.26 10.50 2.26
C LEU A 79 9.40 9.12 2.86
N LEU A 80 8.42 8.69 3.66
CA LEU A 80 8.45 7.33 4.23
C LEU A 80 8.45 6.29 3.10
N ASP A 81 7.58 6.45 2.08
CA ASP A 81 7.54 5.56 0.91
C ASP A 81 8.89 5.56 0.21
N PHE A 82 9.49 6.77 0.03
CA PHE A 82 10.83 6.88 -0.57
C PHE A 82 11.87 6.07 0.25
N MET A 83 11.86 6.23 1.57
CA MET A 83 12.82 5.50 2.39
C MET A 83 12.81 3.99 2.10
N TYR A 84 11.62 3.43 1.90
CA TYR A 84 11.42 1.98 1.73
C TYR A 84 11.42 1.50 0.30
N THR A 85 11.42 2.43 -0.67
CA THR A 85 11.35 2.03 -2.09
C THR A 85 12.43 2.61 -3.01
N SER A 86 13.10 3.75 -2.60
CA SER A 86 14.08 4.50 -3.39
CA SER A 86 14.07 4.53 -3.37
C SER A 86 13.35 5.35 -4.47
N ARG A 87 12.00 5.34 -4.48
CA ARG A 87 11.18 6.07 -5.46
C ARG A 87 10.52 7.25 -4.81
N LEU A 88 10.80 8.44 -5.33
CA LEU A 88 10.28 9.70 -4.82
C LEU A 88 9.13 10.17 -5.71
N ASN A 89 7.92 10.15 -5.15
CA ASN A 89 6.72 10.53 -5.89
C ASN A 89 6.51 12.03 -5.85
N LEU A 90 6.87 12.72 -6.94
CA LEU A 90 6.72 14.16 -7.04
C LEU A 90 5.59 14.53 -8.02
N ARG A 91 4.54 15.16 -7.47
CA ARG A 91 3.37 15.70 -8.19
C ARG A 91 3.41 17.21 -7.96
N GLU A 92 2.94 18.03 -8.92
CA GLU A 92 2.94 19.50 -8.84
C GLU A 92 2.57 20.07 -7.44
N GLY A 93 1.44 19.62 -6.89
CA GLY A 93 0.90 20.06 -5.62
C GLY A 93 1.53 19.50 -4.36
N ASN A 94 2.48 18.55 -4.49
CA ASN A 94 3.13 17.97 -3.31
C ASN A 94 4.61 18.37 -3.15
N ILE A 95 5.26 18.89 -4.22
CA ILE A 95 6.70 19.16 -4.22
C ILE A 95 7.16 20.07 -3.06
N MET A 96 6.47 21.20 -2.76
CA MET A 96 6.90 22.02 -1.63
C MET A 96 6.80 21.28 -0.27
N ALA A 97 5.72 20.52 -0.06
CA ALA A 97 5.56 19.73 1.17
C ALA A 97 6.69 18.68 1.25
N VAL A 98 7.05 18.08 0.11
CA VAL A 98 8.12 17.09 0.05
C VAL A 98 9.47 17.74 0.39
N MET A 99 9.76 18.92 -0.21
CA MET A 99 10.99 19.65 0.03
C MET A 99 11.13 20.03 1.52
N ALA A 100 10.08 20.64 2.11
CA ALA A 100 10.10 21.07 3.53
C ALA A 100 10.25 19.88 4.49
N THR A 101 9.58 18.74 4.19
CA THR A 101 9.63 17.56 5.05
C THR A 101 11.01 16.93 4.98
N ALA A 102 11.59 16.85 3.78
CA ALA A 102 12.92 16.30 3.60
C ALA A 102 13.96 17.14 4.34
N MET A 103 13.78 18.47 4.38
CA MET A 103 14.71 19.34 5.10
C MET A 103 14.63 19.05 6.58
N TYR A 104 13.41 18.93 7.11
CA TYR A 104 13.23 18.64 8.53
C TYR A 104 13.84 17.28 8.91
N LEU A 105 13.64 16.29 8.05
CA LEU A 105 14.15 14.93 8.27
C LEU A 105 15.66 14.84 7.98
N GLN A 106 16.28 15.95 7.46
CA GLN A 106 17.72 16.05 7.12
C GLN A 106 18.06 15.00 6.05
N MET A 107 17.39 15.10 4.89
CA MET A 107 17.59 14.20 3.75
C MET A 107 17.92 15.18 2.61
N GLU A 108 19.17 15.72 2.66
CA GLU A 108 19.69 16.77 1.78
C GLU A 108 19.60 16.44 0.28
N HIS A 109 19.82 15.18 -0.11
CA HIS A 109 19.73 14.79 -1.53
C HIS A 109 18.31 14.86 -2.05
N VAL A 110 17.32 14.50 -1.21
CA VAL A 110 15.91 14.61 -1.59
C VAL A 110 15.56 16.08 -1.73
N VAL A 111 16.04 16.93 -0.78
CA VAL A 111 15.81 18.38 -0.84
C VAL A 111 16.29 18.96 -2.19
N ASP A 112 17.54 18.69 -2.56
CA ASP A 112 18.17 19.16 -3.82
C ASP A 112 17.31 18.77 -5.04
N THR A 113 16.84 17.49 -5.07
CA THR A 113 16.03 16.95 -6.17
C THR A 113 14.68 17.65 -6.25
N ALA A 114 13.97 17.77 -5.12
CA ALA A 114 12.68 18.47 -5.08
C ALA A 114 12.84 19.93 -5.54
N ARG A 115 13.99 20.58 -5.20
CA ARG A 115 14.31 21.96 -5.59
C ARG A 115 14.32 22.08 -7.13
N LYS A 116 14.99 21.14 -7.81
CA LYS A 116 15.09 21.15 -9.27
C LYS A 116 13.74 20.96 -9.94
N PHE A 117 12.86 20.16 -9.36
CA PHE A 117 11.55 19.85 -9.91
C PHE A 117 10.53 20.96 -9.69
N ILE A 118 10.70 21.81 -8.65
CA ILE A 118 9.84 22.98 -8.43
C ILE A 118 10.15 24.00 -9.52
N LYS A 119 11.45 24.32 -9.68
CA LYS A 119 11.96 25.26 -10.67
C LYS A 119 11.59 24.85 -12.10
N ALA A 120 11.62 23.52 -12.39
CA ALA A 120 11.29 22.96 -13.70
C ALA A 120 9.81 23.11 -14.07
N SER A 121 8.91 23.09 -13.07
CA SER A 121 7.47 23.24 -13.24
C SER A 121 7.11 24.68 -13.59
N SER B 1 6.12 12.78 -12.02
CA SER B 1 6.20 11.31 -11.99
C SER B 1 7.07 10.79 -10.81
N GLN B 2 7.58 9.55 -10.88
CA GLN B 2 8.39 8.96 -9.81
C GLN B 2 9.89 8.98 -10.11
N ILE B 3 10.68 9.53 -9.18
CA ILE B 3 12.12 9.62 -9.34
C ILE B 3 12.83 8.55 -8.52
N GLN B 4 13.58 7.67 -9.22
CA GLN B 4 14.32 6.61 -8.56
C GLN B 4 15.74 7.06 -8.27
N PHE B 5 16.16 6.88 -7.01
CA PHE B 5 17.50 7.22 -6.51
C PHE B 5 18.23 5.87 -6.49
N THR B 6 19.03 5.59 -7.54
CA THR B 6 19.63 4.24 -7.67
C THR B 6 20.75 3.91 -6.65
N ARG B 7 21.24 4.88 -5.84
CA ARG B 7 22.25 4.58 -4.80
C ARG B 7 21.57 4.45 -3.42
N HIS B 8 20.27 4.77 -3.32
CA HIS B 8 19.55 4.76 -2.04
C HIS B 8 19.60 3.42 -1.31
N ALA B 9 19.23 2.30 -1.98
CA ALA B 9 19.24 1.02 -1.28
C ALA B 9 20.63 0.62 -0.74
N SER B 10 21.69 0.85 -1.54
CA SER B 10 23.07 0.57 -1.12
C SER B 10 23.45 1.43 0.10
N ASP B 11 23.04 2.71 0.13
CA ASP B 11 23.31 3.60 1.26
C ASP B 11 22.56 3.13 2.52
N VAL B 12 21.29 2.68 2.35
CA VAL B 12 20.49 2.13 3.47
C VAL B 12 21.22 0.92 4.06
N LEU B 13 21.63 -0.03 3.20
CA LEU B 13 22.32 -1.25 3.64
C LEU B 13 23.64 -0.94 4.34
N LEU B 14 24.41 0.04 3.83
CA LEU B 14 25.67 0.48 4.44
C LEU B 14 25.39 0.98 5.87
N ASN B 15 24.31 1.76 6.06
CA ASN B 15 23.93 2.28 7.39
C ASN B 15 23.42 1.18 8.31
N LEU B 16 22.69 0.19 7.77
CA LEU B 16 22.25 -0.96 8.56
C LEU B 16 23.48 -1.74 9.06
N ASN B 17 24.53 -1.86 8.22
CA ASN B 17 25.77 -2.52 8.62
C ASN B 17 26.51 -1.72 9.70
N ARG B 18 26.47 -0.38 9.62
CA ARG B 18 27.08 0.48 10.64
C ARG B 18 26.35 0.30 11.97
N LEU B 19 25.00 0.12 11.94
CA LEU B 19 24.21 -0.12 13.16
C LEU B 19 24.60 -1.46 13.75
N ARG B 20 24.83 -2.47 12.90
CA ARG B 20 25.25 -3.79 13.36
C ARG B 20 26.62 -3.73 14.06
N SER B 21 27.62 -3.04 13.45
CA SER B 21 28.98 -2.95 14.01
C SER B 21 29.03 -2.24 15.36
N ARG B 22 28.08 -1.34 15.62
CA ARG B 22 27.95 -0.58 16.86
C ARG B 22 26.92 -1.20 17.81
N ASP B 23 26.35 -2.36 17.41
CA ASP B 23 25.35 -3.10 18.18
C ASP B 23 24.10 -2.25 18.52
N ILE B 24 23.67 -1.40 17.58
CA ILE B 24 22.50 -0.55 17.76
C ILE B 24 21.26 -1.23 17.21
N LEU B 25 20.24 -1.40 18.09
CA LEU B 25 18.93 -1.96 17.75
C LEU B 25 18.98 -3.42 17.24
N THR B 26 20.13 -4.10 17.42
CA THR B 26 20.24 -5.55 17.08
C THR B 26 19.22 -6.25 18.03
N ASP B 27 18.43 -7.19 17.51
CA ASP B 27 17.35 -7.82 18.29
C ASP B 27 17.38 -9.31 18.29
N VAL B 28 18.44 -9.92 17.75
CA VAL B 28 18.54 -11.38 17.77
C VAL B 28 20.01 -11.80 17.83
N VAL B 29 20.26 -12.91 18.51
CA VAL B 29 21.54 -13.55 18.56
C VAL B 29 21.29 -14.89 17.86
N ILE B 30 22.06 -15.18 16.79
CA ILE B 30 21.98 -16.44 16.11
C ILE B 30 23.09 -17.31 16.68
N VAL B 31 22.73 -18.48 17.20
CA VAL B 31 23.67 -19.43 17.80
C VAL B 31 23.94 -20.52 16.79
N VAL B 32 25.22 -20.64 16.41
CA VAL B 32 25.67 -21.57 15.37
C VAL B 32 26.76 -22.41 16.03
N SER B 33 26.40 -23.68 16.27
CA SER B 33 27.13 -24.73 16.98
C SER B 33 27.08 -24.24 18.43
N ARG B 34 28.04 -23.40 18.84
CA ARG B 34 28.10 -22.78 20.17
C ARG B 34 28.57 -21.32 20.06
N GLU B 35 28.76 -20.83 18.81
CA GLU B 35 29.21 -19.47 18.47
C GLU B 35 28.04 -18.52 18.28
N GLN B 36 28.19 -17.28 18.70
CA GLN B 36 27.12 -16.28 18.68
C GLN B 36 27.34 -15.17 17.68
N PHE B 37 26.25 -14.78 16.98
CA PHE B 37 26.24 -13.68 16.01
C PHE B 37 25.04 -12.77 16.24
N ARG B 38 25.28 -11.48 16.35
CA ARG B 38 24.19 -10.55 16.56
C ARG B 38 23.73 -9.97 15.24
N ALA B 39 22.42 -9.74 15.10
CA ALA B 39 21.86 -9.19 13.86
C ALA B 39 20.51 -8.50 14.09
N HIS B 40 19.92 -7.97 13.00
CA HIS B 40 18.59 -7.39 13.00
C HIS B 40 17.68 -8.45 12.32
N LYS B 41 16.61 -8.88 13.01
CA LYS B 41 15.65 -9.86 12.44
C LYS B 41 15.13 -9.42 11.07
N THR B 42 14.85 -8.10 10.90
CA THR B 42 14.35 -7.59 9.61
C THR B 42 15.30 -7.86 8.46
N VAL B 43 16.62 -7.68 8.66
CA VAL B 43 17.65 -7.89 7.64
C VAL B 43 17.71 -9.40 7.36
N LEU B 44 17.71 -10.22 8.41
CA LEU B 44 17.74 -11.67 8.22
C LEU B 44 16.57 -12.19 7.39
N MET B 45 15.34 -11.71 7.71
CA MET B 45 14.12 -12.09 6.96
C MET B 45 14.19 -11.61 5.51
N ALA B 46 14.71 -10.40 5.30
CA ALA B 46 14.83 -9.82 3.96
C ALA B 46 15.81 -10.52 3.05
N CYS B 47 16.80 -11.26 3.62
CA CYS B 47 17.86 -11.94 2.89
C CYS B 47 17.68 -13.44 2.72
N SER B 48 17.08 -14.10 3.71
CA SER B 48 17.05 -15.55 3.77
C SER B 48 15.64 -16.13 3.85
N GLY B 49 15.33 -17.08 2.97
CA GLY B 49 14.05 -17.77 2.96
C GLY B 49 13.84 -18.53 4.26
N LEU B 50 14.94 -19.07 4.82
CA LEU B 50 14.88 -19.77 6.11
C LEU B 50 14.50 -18.81 7.27
N PHE B 51 15.19 -17.64 7.38
CA PHE B 51 14.87 -16.68 8.44
C PHE B 51 13.49 -16.08 8.27
N TYR B 52 13.09 -15.90 7.00
CA TYR B 52 11.74 -15.42 6.72
C TYR B 52 10.70 -16.40 7.33
N SER B 53 10.88 -17.72 7.08
CA SER B 53 10.00 -18.77 7.62
C SER B 53 9.99 -18.82 9.15
N ILE B 54 11.17 -18.71 9.79
CA ILE B 54 11.35 -18.71 11.25
C ILE B 54 10.62 -17.56 11.91
N PHE B 55 10.90 -16.33 11.48
CA PHE B 55 10.34 -15.15 12.11
C PHE B 55 8.89 -14.83 11.66
N THR B 56 8.32 -15.61 10.70
CA THR B 56 6.90 -15.45 10.31
C THR B 56 6.06 -16.09 11.41
N ASP B 57 6.61 -17.16 12.02
CA ASP B 57 5.97 -17.92 13.09
C ASP B 57 5.88 -17.02 14.30
N GLN B 58 4.64 -16.72 14.75
CA GLN B 58 4.35 -15.87 15.91
C GLN B 58 5.08 -16.32 17.17
N LEU B 59 5.25 -17.64 17.36
CA LEU B 59 5.93 -18.23 18.52
C LEU B 59 7.44 -17.91 18.51
N LYS B 60 8.07 -17.92 17.31
CA LYS B 60 9.51 -17.66 17.14
C LYS B 60 9.86 -16.19 16.88
N ARG B 61 8.89 -15.39 16.36
CA ARG B 61 9.12 -13.99 16.03
C ARG B 61 9.62 -13.16 17.23
N ASN B 62 9.13 -13.46 18.44
CA ASN B 62 9.41 -12.71 19.66
C ASN B 62 10.56 -13.22 20.55
N LEU B 63 11.34 -14.19 20.09
CA LEU B 63 12.49 -14.62 20.88
C LEU B 63 13.76 -13.91 20.42
N SER B 64 14.67 -13.58 21.36
CA SER B 64 15.92 -12.87 21.03
C SER B 64 17.11 -13.80 20.71
N VAL B 65 16.89 -15.12 20.76
CA VAL B 65 17.93 -16.12 20.47
C VAL B 65 17.33 -17.16 19.53
N ILE B 66 18.05 -17.48 18.43
CA ILE B 66 17.66 -18.51 17.46
C ILE B 66 18.84 -19.46 17.29
N ASN B 67 18.59 -20.76 17.46
CA ASN B 67 19.60 -21.77 17.30
C ASN B 67 19.47 -22.38 15.93
N LEU B 68 20.55 -22.35 15.16
CA LEU B 68 20.51 -22.99 13.84
C LEU B 68 20.79 -24.47 14.02
N ASP B 69 20.56 -25.26 12.96
CA ASP B 69 20.87 -26.70 12.95
C ASP B 69 22.32 -26.88 13.46
N PRO B 70 22.59 -27.81 14.40
CA PRO B 70 23.95 -27.95 14.93
C PRO B 70 25.04 -28.32 13.91
N GLU B 71 24.65 -28.74 12.69
CA GLU B 71 25.60 -29.09 11.64
C GLU B 71 26.16 -27.89 10.91
N ILE B 72 25.51 -26.71 11.05
CA ILE B 72 25.95 -25.52 10.33
C ILE B 72 27.30 -25.06 10.83
N ASN B 73 28.22 -24.77 9.89
CA ASN B 73 29.55 -24.30 10.16
C ASN B 73 29.51 -22.79 10.47
N PRO B 74 29.97 -22.37 11.66
CA PRO B 74 29.95 -20.93 11.99
C PRO B 74 30.79 -20.05 11.05
N GLU B 75 31.87 -20.61 10.46
CA GLU B 75 32.71 -19.90 9.48
C GLU B 75 31.88 -19.59 8.22
N GLY B 76 31.03 -20.55 7.81
CA GLY B 76 30.12 -20.38 6.68
C GLY B 76 29.05 -19.36 7.00
N PHE B 77 28.49 -19.43 8.20
CA PHE B 77 27.48 -18.48 8.60
C PHE B 77 28.01 -17.05 8.64
N ASN B 78 29.22 -16.86 9.18
CA ASN B 78 29.84 -15.54 9.29
C ASN B 78 29.96 -14.86 7.92
N ILE B 79 30.36 -15.62 6.89
CA ILE B 79 30.51 -15.08 5.54
C ILE B 79 29.15 -14.68 4.99
N LEU B 80 28.13 -15.51 5.20
CA LEU B 80 26.78 -15.20 4.71
C LEU B 80 26.17 -14.01 5.44
N LEU B 81 26.36 -13.92 6.76
CA LEU B 81 25.88 -12.76 7.53
C LEU B 81 26.53 -11.45 7.00
N ASP B 82 27.86 -11.47 6.79
CA ASP B 82 28.60 -10.31 6.23
C ASP B 82 28.03 -9.98 4.85
N PHE B 83 27.78 -11.01 4.02
CA PHE B 83 27.20 -10.79 2.69
C PHE B 83 25.83 -10.10 2.81
N MET B 84 24.97 -10.57 3.72
CA MET B 84 23.64 -9.96 3.90
C MET B 84 23.72 -8.46 4.12
N TYR B 85 24.69 -8.01 4.91
CA TYR B 85 24.85 -6.61 5.32
C TYR B 85 25.72 -5.77 4.40
N THR B 86 26.46 -6.40 3.47
CA THR B 86 27.41 -5.67 2.63
C THR B 86 27.25 -5.86 1.14
N SER B 87 26.62 -6.97 0.68
CA SER B 87 26.50 -7.37 -0.76
C SER B 87 27.80 -7.98 -1.27
N ARG B 88 28.81 -8.14 -0.39
CA ARG B 88 30.12 -8.66 -0.77
C ARG B 88 30.28 -10.07 -0.24
N LEU B 89 30.52 -11.01 -1.16
CA LEU B 89 30.67 -12.42 -0.83
C LEU B 89 32.14 -12.81 -0.83
N ASN B 90 32.67 -13.12 0.35
CA ASN B 90 34.07 -13.49 0.52
C ASN B 90 34.28 -14.97 0.28
N LEU B 91 34.84 -15.30 -0.91
CA LEU B 91 35.09 -16.68 -1.28
C LEU B 91 36.60 -16.91 -1.29
N ARG B 92 37.08 -17.58 -0.24
CA ARG B 92 38.48 -17.94 -0.06
C ARG B 92 38.55 -19.44 0.06
N GLU B 93 39.61 -20.04 -0.49
CA GLU B 93 39.83 -21.50 -0.47
C GLU B 93 39.70 -22.06 0.94
N GLY B 94 39.00 -23.19 1.05
CA GLY B 94 38.78 -23.86 2.32
C GLY B 94 37.38 -23.65 2.86
N ASN B 95 36.99 -22.37 3.04
CA ASN B 95 35.67 -22.04 3.59
C ASN B 95 34.56 -22.03 2.56
N ILE B 96 34.91 -22.27 1.30
CA ILE B 96 33.98 -22.24 0.17
C ILE B 96 32.85 -23.29 0.28
N MET B 97 33.17 -24.54 0.65
CA MET B 97 32.12 -25.55 0.84
C MET B 97 31.20 -25.19 2.02
N ALA B 98 31.77 -24.62 3.12
CA ALA B 98 30.98 -24.15 4.26
C ALA B 98 30.02 -23.05 3.79
N VAL B 99 30.48 -22.15 2.88
CA VAL B 99 29.61 -21.08 2.32
C VAL B 99 28.46 -21.72 1.53
N MET B 100 28.77 -22.65 0.60
CA MET B 100 27.77 -23.27 -0.25
C MET B 100 26.67 -24.00 0.56
N ALA B 101 27.08 -24.81 1.55
CA ALA B 101 26.16 -25.56 2.41
C ALA B 101 25.30 -24.64 3.25
N THR B 102 25.92 -23.58 3.81
CA THR B 102 25.20 -22.60 4.64
C THR B 102 24.21 -21.83 3.77
N ALA B 103 24.62 -21.43 2.55
CA ALA B 103 23.67 -20.73 1.66
C ALA B 103 22.48 -21.60 1.27
N MET B 104 22.70 -22.91 1.07
CA MET B 104 21.60 -23.80 0.74
C MET B 104 20.63 -23.86 1.91
N TYR B 105 21.17 -24.09 3.12
CA TYR B 105 20.38 -24.16 4.35
C TYR B 105 19.58 -22.88 4.56
N LEU B 106 20.23 -21.73 4.30
CA LEU B 106 19.60 -20.41 4.47
C LEU B 106 18.67 -20.02 3.32
N GLN B 107 18.64 -20.86 2.27
CA GLN B 107 17.81 -20.65 1.07
C GLN B 107 18.18 -19.32 0.39
N MET B 108 19.45 -19.18 0.00
CA MET B 108 20.00 -17.99 -0.69
C MET B 108 20.62 -18.56 -1.99
N GLU B 109 19.72 -18.91 -2.93
CA GLU B 109 19.98 -19.61 -4.19
C GLU B 109 21.05 -18.95 -5.09
N HIS B 110 21.08 -17.62 -5.19
CA HIS B 110 22.08 -16.94 -6.03
C HIS B 110 23.49 -17.07 -5.48
N VAL B 111 23.62 -17.04 -4.14
CA VAL B 111 24.91 -17.26 -3.49
C VAL B 111 25.36 -18.71 -3.75
N VAL B 112 24.42 -19.67 -3.64
CA VAL B 112 24.71 -21.09 -3.89
C VAL B 112 25.31 -21.28 -5.29
N ASP B 113 24.63 -20.73 -6.32
CA ASP B 113 25.05 -20.82 -7.73
C ASP B 113 26.49 -20.32 -7.92
N THR B 114 26.80 -19.16 -7.30
CA THR B 114 28.12 -18.53 -7.37
C THR B 114 29.19 -19.38 -6.71
N ALA B 115 28.93 -19.79 -5.45
CA ALA B 115 29.88 -20.61 -4.69
C ALA B 115 30.16 -21.93 -5.42
N ARG B 116 29.10 -22.58 -5.95
CA ARG B 116 29.16 -23.83 -6.69
C ARG B 116 30.14 -23.73 -7.87
N LYS B 117 30.09 -22.63 -8.64
CA LYS B 117 30.97 -22.47 -9.80
C LYS B 117 32.42 -22.19 -9.39
N PHE B 118 32.60 -21.55 -8.22
CA PHE B 118 33.92 -21.24 -7.67
C PHE B 118 34.65 -22.49 -7.22
N ILE B 119 33.93 -23.46 -6.63
CA ILE B 119 34.47 -24.76 -6.18
C ILE B 119 34.95 -25.57 -7.40
N LYS B 120 34.12 -25.59 -8.46
CA LYS B 120 34.37 -26.32 -9.71
C LYS B 120 35.62 -25.87 -10.49
N ALA B 121 36.03 -24.59 -10.35
CA ALA B 121 37.20 -24.05 -11.04
C ALA B 121 38.52 -24.56 -10.49
N SER C 1 -29.44 16.76 -24.76
CA SER C 1 -28.07 16.42 -25.17
C SER C 1 -27.32 15.70 -24.05
N GLN C 2 -26.69 14.54 -24.34
CA GLN C 2 -26.00 13.76 -23.31
C GLN C 2 -24.53 13.45 -23.62
N ILE C 3 -23.64 13.90 -22.73
CA ILE C 3 -22.21 13.67 -22.90
C ILE C 3 -21.70 12.57 -21.99
N GLN C 4 -21.12 11.51 -22.57
CA GLN C 4 -20.54 10.42 -21.80
C GLN C 4 -19.05 10.65 -21.55
N PHE C 5 -18.64 10.52 -20.28
CA PHE C 5 -17.25 10.67 -19.84
C PHE C 5 -16.72 9.28 -19.59
N THR C 6 -16.04 8.68 -20.59
CA THR C 6 -15.58 7.29 -20.48
C THR C 6 -14.43 7.06 -19.47
N ARG C 7 -13.78 8.14 -18.98
CA ARG C 7 -12.71 8.10 -17.98
C ARG C 7 -13.27 8.17 -16.53
N HIS C 8 -14.45 8.78 -16.34
CA HIS C 8 -15.06 9.01 -15.03
C HIS C 8 -15.02 7.78 -14.09
N ALA C 9 -15.43 6.59 -14.56
CA ALA C 9 -15.44 5.39 -13.72
C ALA C 9 -14.05 5.03 -13.17
N SER C 10 -12.99 5.18 -14.00
CA SER C 10 -11.61 4.91 -13.60
C SER C 10 -11.18 5.87 -12.49
N ASP C 11 -11.57 7.16 -12.58
CA ASP C 11 -11.25 8.17 -11.57
C ASP C 11 -11.97 7.86 -10.25
N VAL C 12 -13.25 7.44 -10.34
CA VAL C 12 -14.07 7.02 -9.17
C VAL C 12 -13.36 5.85 -8.48
N LEU C 13 -13.02 4.79 -9.23
CA LEU C 13 -12.35 3.62 -8.69
C LEU C 13 -11.01 3.95 -8.00
N LEU C 14 -10.20 4.81 -8.64
CA LEU C 14 -8.93 5.29 -8.06
C LEU C 14 -9.18 5.94 -6.67
N ASN C 15 -10.23 6.75 -6.55
CA ASN C 15 -10.57 7.40 -5.30
C ASN C 15 -11.14 6.41 -4.26
N LEU C 16 -11.89 5.38 -4.72
CA LEU C 16 -12.40 4.34 -3.82
C LEU C 16 -11.20 3.57 -3.22
N ASN C 17 -10.15 3.35 -4.04
CA ASN C 17 -8.93 2.68 -3.58
C ASN C 17 -8.17 3.55 -2.57
N ARG C 18 -8.18 4.88 -2.76
CA ARG C 18 -7.56 5.80 -1.80
C ARG C 18 -8.32 5.75 -0.47
N LEU C 19 -9.67 5.63 -0.51
CA LEU C 19 -10.49 5.50 0.72
C LEU C 19 -10.13 4.20 1.42
N ARG C 20 -9.92 3.12 0.65
CA ARG C 20 -9.55 1.85 1.25
C ARG C 20 -8.18 1.92 1.96
N SER C 21 -7.16 2.52 1.31
CA SER C 21 -5.80 2.63 1.87
C SER C 21 -5.75 3.46 3.17
N ARG C 22 -6.71 4.39 3.34
CA ARG C 22 -6.83 5.24 4.52
C ARG C 22 -7.88 4.72 5.50
N ASP C 23 -8.47 3.54 5.18
CA ASP C 23 -9.51 2.88 5.98
C ASP C 23 -10.74 3.77 6.24
N ILE C 24 -11.13 4.55 5.23
CA ILE C 24 -12.28 5.46 5.35
C ILE C 24 -13.55 4.78 4.84
N LEU C 25 -14.57 4.70 5.72
CA LEU C 25 -15.89 4.15 5.44
C LEU C 25 -15.91 2.66 5.09
N THR C 26 -14.81 1.94 5.40
CA THR C 26 -14.79 0.47 5.21
C THR C 26 -15.79 -0.05 6.24
N ASP C 27 -16.64 -1.00 5.84
CA ASP C 27 -17.71 -1.52 6.70
C ASP C 27 -17.70 -3.04 6.89
N VAL C 28 -16.63 -3.69 6.41
CA VAL C 28 -16.52 -5.14 6.58
C VAL C 28 -15.05 -5.54 6.67
N VAL C 29 -14.79 -6.61 7.43
CA VAL C 29 -13.48 -7.23 7.50
C VAL C 29 -13.66 -8.61 6.92
N ILE C 30 -12.85 -8.95 5.90
CA ILE C 30 -12.85 -10.29 5.34
C ILE C 30 -11.69 -11.03 5.98
N VAL C 31 -11.98 -12.18 6.60
CA VAL C 31 -10.97 -12.98 7.28
C VAL C 31 -10.65 -14.19 6.42
N VAL C 32 -9.40 -14.32 6.02
CA VAL C 32 -8.92 -15.37 5.12
C VAL C 32 -7.74 -16.06 5.82
N SER C 33 -7.93 -17.29 6.32
CA SER C 33 -6.90 -18.04 7.04
C SER C 33 -6.11 -17.14 8.03
N ARG C 34 -6.86 -16.52 8.98
CA ARG C 34 -6.35 -15.63 10.05
C ARG C 34 -5.92 -14.24 9.57
N GLU C 35 -5.76 -14.03 8.26
CA GLU C 35 -5.37 -12.72 7.74
C GLU C 35 -6.62 -11.86 7.52
N GLN C 36 -6.53 -10.55 7.86
CA GLN C 36 -7.65 -9.63 7.77
C GLN C 36 -7.52 -8.62 6.66
N PHE C 37 -8.65 -8.34 5.96
CA PHE C 37 -8.72 -7.38 4.89
C PHE C 37 -9.95 -6.51 5.08
N ARG C 38 -9.75 -5.19 5.27
CA ARG C 38 -10.87 -4.26 5.37
C ARG C 38 -11.30 -3.82 3.98
N ALA C 39 -12.62 -3.71 3.76
CA ALA C 39 -13.13 -3.31 2.45
C ALA C 39 -14.47 -2.63 2.58
N HIS C 40 -15.00 -2.18 1.44
CA HIS C 40 -16.33 -1.60 1.34
C HIS C 40 -17.21 -2.69 0.76
N LYS C 41 -18.31 -3.04 1.46
CA LYS C 41 -19.28 -4.05 0.99
C LYS C 41 -19.77 -3.73 -0.41
N THR C 42 -20.05 -2.43 -0.71
CA THR C 42 -20.51 -2.03 -2.06
C THR C 42 -19.56 -2.45 -3.16
N VAL C 43 -18.24 -2.24 -2.97
CA VAL C 43 -17.21 -2.60 -3.96
C VAL C 43 -17.14 -4.13 -4.07
N LEU C 44 -17.14 -4.83 -2.92
CA LEU C 44 -17.12 -6.30 -2.94
C LEU C 44 -18.29 -6.89 -3.73
N MET C 45 -19.52 -6.39 -3.48
CA MET C 45 -20.73 -6.83 -4.19
C MET C 45 -20.61 -6.54 -5.68
N ALA C 46 -20.10 -5.36 -6.04
CA ALA C 46 -19.99 -4.93 -7.43
C ALA C 46 -19.00 -5.74 -8.24
N CYS C 47 -18.07 -6.46 -7.57
CA CYS C 47 -17.01 -7.24 -8.23
C CYS C 47 -17.17 -8.74 -8.20
N SER C 48 -17.77 -9.27 -7.12
CA SER C 48 -17.81 -10.71 -6.86
C SER C 48 -19.21 -11.27 -6.72
N GLY C 49 -19.48 -12.35 -7.46
CA GLY C 49 -20.76 -13.04 -7.37
C GLY C 49 -20.99 -13.61 -5.98
N LEU C 50 -19.92 -14.07 -5.32
CA LEU C 50 -20.02 -14.59 -3.96
C LEU C 50 -20.43 -13.48 -2.98
N PHE C 51 -19.74 -12.32 -3.02
CA PHE C 51 -20.07 -11.22 -2.12
C PHE C 51 -21.42 -10.61 -2.43
N TYR C 52 -21.80 -10.58 -3.70
CA TYR C 52 -23.12 -10.10 -4.11
C TYR C 52 -24.18 -10.97 -3.44
N SER C 53 -24.03 -12.31 -3.52
CA SER C 53 -24.96 -13.26 -2.91
C SER C 53 -25.05 -13.11 -1.40
N ILE C 54 -23.88 -12.92 -0.73
CA ILE C 54 -23.79 -12.76 0.71
C ILE C 54 -24.53 -11.51 1.18
N PHE C 55 -24.16 -10.35 0.64
CA PHE C 55 -24.71 -9.09 1.10
C PHE C 55 -26.07 -8.72 0.54
N THR C 56 -26.60 -9.48 -0.44
CA THR C 56 -27.94 -9.18 -0.93
C THR C 56 -28.96 -9.78 0.06
N ASP C 57 -28.54 -10.80 0.85
CA ASP C 57 -29.35 -11.45 1.88
C ASP C 57 -29.48 -10.46 3.05
N GLN C 58 -30.72 -10.04 3.40
CA GLN C 58 -30.99 -9.08 4.49
C GLN C 58 -30.39 -9.50 5.84
N LEU C 59 -30.35 -10.82 6.11
CA LEU C 59 -29.78 -11.38 7.33
C LEU C 59 -28.26 -11.19 7.39
N LYS C 60 -27.58 -11.33 6.23
CA LYS C 60 -26.12 -11.22 6.16
C LYS C 60 -25.61 -9.83 5.79
N ARG C 61 -26.48 -8.96 5.21
CA ARG C 61 -26.11 -7.61 4.78
C ARG C 61 -25.53 -6.76 5.89
N ASN C 62 -25.98 -6.97 7.14
CA ASN C 62 -25.53 -6.19 8.30
C ASN C 62 -24.26 -6.76 8.99
N LEU C 63 -23.76 -7.97 8.63
CA LEU C 63 -22.54 -8.58 9.20
C LEU C 63 -21.30 -7.76 8.84
N SER C 64 -20.44 -7.49 9.82
CA SER C 64 -19.24 -6.68 9.65
C SER C 64 -17.98 -7.53 9.55
N VAL C 65 -18.14 -8.87 9.69
CA VAL C 65 -17.03 -9.81 9.58
C VAL C 65 -17.51 -10.97 8.73
N ILE C 66 -16.76 -11.31 7.66
CA ILE C 66 -17.05 -12.46 6.81
C ILE C 66 -15.81 -13.36 6.81
N ASN C 67 -15.99 -14.64 7.17
CA ASN C 67 -14.89 -15.59 7.21
C ASN C 67 -14.98 -16.45 5.98
N LEU C 68 -13.95 -16.41 5.15
CA LEU C 68 -13.96 -17.21 3.94
C LEU C 68 -13.61 -18.66 4.23
N ASP C 69 -13.91 -19.56 3.27
CA ASP C 69 -13.59 -20.99 3.36
C ASP C 69 -12.11 -21.12 3.79
N PRO C 70 -11.76 -21.96 4.79
CA PRO C 70 -10.36 -22.05 5.24
C PRO C 70 -9.34 -22.50 4.20
N GLU C 71 -9.80 -23.01 3.04
CA GLU C 71 -8.91 -23.45 1.97
C GLU C 71 -8.38 -22.29 1.15
N ILE C 72 -9.05 -21.11 1.21
CA ILE C 72 -8.66 -19.94 0.42
C ILE C 72 -7.32 -19.40 0.87
N ASN C 73 -6.43 -19.18 -0.11
CA ASN C 73 -5.09 -18.65 0.12
C ASN C 73 -5.18 -17.13 0.27
N PRO C 74 -4.72 -16.57 1.42
CA PRO C 74 -4.76 -15.10 1.60
C PRO C 74 -3.98 -14.29 0.57
N GLU C 75 -2.89 -14.87 0.02
CA GLU C 75 -2.08 -14.23 -1.02
C GLU C 75 -2.97 -14.06 -2.28
N GLY C 76 -3.75 -15.10 -2.59
CA GLY C 76 -4.70 -15.11 -3.69
C GLY C 76 -5.78 -14.07 -3.49
N PHE C 77 -6.34 -14.01 -2.26
CA PHE C 77 -7.36 -13.04 -1.96
C PHE C 77 -6.83 -11.60 -2.06
N ASN C 78 -5.61 -11.34 -1.56
CA ASN C 78 -5.00 -10.01 -1.60
C ASN C 78 -4.88 -9.50 -3.03
N ILE C 79 -4.47 -10.37 -3.96
CA ILE C 79 -4.33 -9.99 -5.37
C ILE C 79 -5.71 -9.66 -5.96
N LEU C 80 -6.72 -10.46 -5.64
CA LEU C 80 -8.07 -10.22 -6.15
C LEU C 80 -8.69 -8.96 -5.54
N LEU C 81 -8.47 -8.72 -4.25
CA LEU C 81 -8.95 -7.49 -3.62
C LEU C 81 -8.30 -6.25 -4.30
N ASP C 82 -6.99 -6.27 -4.54
CA ASP C 82 -6.26 -5.20 -5.24
C ASP C 82 -6.86 -5.01 -6.62
N PHE C 83 -7.15 -6.14 -7.34
CA PHE C 83 -7.79 -6.08 -8.66
C PHE C 83 -9.13 -5.38 -8.57
N MET C 84 -9.96 -5.76 -7.60
CA MET C 84 -11.28 -5.14 -7.47
C MET C 84 -11.20 -3.59 -7.42
N TYR C 85 -10.20 -3.07 -6.70
CA TYR C 85 -10.03 -1.64 -6.44
C TYR C 85 -9.14 -0.91 -7.45
N THR C 86 -8.46 -1.63 -8.35
CA THR C 86 -7.54 -1.00 -9.31
C THR C 86 -7.75 -1.36 -10.77
N SER C 87 -8.45 -2.50 -11.08
CA SER C 87 -8.63 -3.07 -12.44
C SER C 87 -7.35 -3.77 -12.94
N ARG C 88 -6.30 -3.82 -12.09
CA ARG C 88 -5.01 -4.42 -12.45
C ARG C 88 -4.84 -5.75 -11.73
N LEU C 89 -4.65 -6.81 -12.51
CA LEU C 89 -4.49 -8.17 -12.01
C LEU C 89 -3.00 -8.55 -12.05
N ASN C 90 -2.41 -8.71 -10.86
CA ASN C 90 -1.00 -9.03 -10.73
C ASN C 90 -0.80 -10.53 -10.78
N LEU C 91 -0.52 -11.07 -11.98
CA LEU C 91 -0.32 -12.50 -12.10
C LEU C 91 1.17 -12.81 -12.15
N ARG C 92 1.58 -13.83 -11.40
CA ARG C 92 2.96 -14.31 -11.35
C ARG C 92 2.92 -15.82 -11.30
N GLU C 93 4.04 -16.47 -11.68
CA GLU C 93 4.15 -17.92 -11.65
C GLU C 93 3.86 -18.51 -10.25
N GLY C 94 4.34 -17.81 -9.21
CA GLY C 94 4.20 -18.24 -7.83
C GLY C 94 2.87 -17.92 -7.16
N ASN C 95 1.96 -17.23 -7.88
CA ASN C 95 0.66 -16.85 -7.31
C ASN C 95 -0.54 -17.30 -8.15
N ILE C 96 -0.29 -17.72 -9.41
CA ILE C 96 -1.30 -18.07 -10.41
C ILE C 96 -2.34 -19.07 -9.91
N MET C 97 -1.89 -20.14 -9.20
CA MET C 97 -2.79 -21.16 -8.68
C MET C 97 -3.73 -20.58 -7.65
N ALA C 98 -3.18 -19.83 -6.68
CA ALA C 98 -3.99 -19.25 -5.63
C ALA C 98 -4.99 -18.23 -6.19
N VAL C 99 -4.57 -17.46 -7.22
CA VAL C 99 -5.45 -16.46 -7.84
C VAL C 99 -6.61 -17.12 -8.58
N MET C 100 -6.33 -18.16 -9.42
CA MET C 100 -7.41 -18.81 -10.17
C MET C 100 -8.41 -19.49 -9.27
N ALA C 101 -7.94 -20.17 -8.23
CA ALA C 101 -8.83 -20.86 -7.31
C ALA C 101 -9.66 -19.87 -6.53
N THR C 102 -9.03 -18.78 -6.07
CA THR C 102 -9.76 -17.75 -5.34
C THR C 102 -10.80 -17.05 -6.22
N ALA C 103 -10.47 -16.80 -7.51
CA ALA C 103 -11.41 -16.15 -8.40
C ALA C 103 -12.62 -17.06 -8.71
N MET C 104 -12.39 -18.37 -8.82
CA MET C 104 -13.50 -19.31 -9.01
C MET C 104 -14.41 -19.29 -7.78
N TYR C 105 -13.81 -19.36 -6.58
CA TYR C 105 -14.56 -19.30 -5.32
C TYR C 105 -15.38 -17.99 -5.21
N LEU C 106 -14.75 -16.86 -5.54
CA LEU C 106 -15.39 -15.54 -5.46
C LEU C 106 -16.36 -15.28 -6.61
N GLN C 107 -16.40 -16.23 -7.61
CA GLN C 107 -17.28 -16.17 -8.80
C GLN C 107 -16.93 -14.91 -9.61
N MET C 108 -15.68 -14.81 -10.05
CA MET C 108 -15.19 -13.70 -10.87
C MET C 108 -14.70 -14.35 -12.16
N GLU C 109 -15.67 -14.73 -13.03
CA GLU C 109 -15.50 -15.48 -14.29
C GLU C 109 -14.46 -14.89 -15.25
N HIS C 110 -14.44 -13.54 -15.44
CA HIS C 110 -13.50 -12.89 -16.37
C HIS C 110 -12.07 -13.03 -15.87
N VAL C 111 -11.87 -12.97 -14.53
CA VAL C 111 -10.55 -13.14 -13.95
C VAL C 111 -10.11 -14.59 -14.15
N VAL C 112 -11.02 -15.55 -13.92
CA VAL C 112 -10.74 -16.97 -14.13
C VAL C 112 -10.25 -17.22 -15.58
N ASP C 113 -11.02 -16.75 -16.58
CA ASP C 113 -10.68 -16.90 -18.01
C ASP C 113 -9.31 -16.30 -18.34
N THR C 114 -9.01 -15.11 -17.81
CA THR C 114 -7.73 -14.41 -17.99
C THR C 114 -6.58 -15.20 -17.40
N ALA C 115 -6.69 -15.67 -16.14
CA ALA C 115 -5.66 -16.49 -15.50
C ALA C 115 -5.41 -17.78 -16.31
N ARG C 116 -6.49 -18.32 -16.92
CA ARG C 116 -6.45 -19.54 -17.75
C ARG C 116 -5.55 -19.34 -18.98
N LYS C 117 -5.64 -18.16 -19.62
CA LYS C 117 -4.81 -17.78 -20.78
C LYS C 117 -3.34 -17.60 -20.39
N PHE C 118 -3.07 -17.15 -19.13
CA PHE C 118 -1.70 -16.96 -18.61
C PHE C 118 -1.03 -18.34 -18.44
N ILE C 119 -1.80 -19.33 -17.93
CA ILE C 119 -1.31 -20.70 -17.70
C ILE C 119 -0.94 -21.39 -19.00
N LYS C 120 -1.87 -21.34 -19.98
CA LYS C 120 -1.70 -21.91 -21.33
C LYS C 120 -0.50 -21.28 -22.06
N ALA C 121 -0.22 -19.98 -21.83
CA ALA C 121 0.89 -19.24 -22.44
C ALA C 121 2.24 -19.68 -21.87
N GLN D 1 1.39 -7.35 -15.20
CA GLN D 1 0.13 -6.83 -14.67
C GLN D 1 -0.91 -6.69 -15.78
N ILE D 2 -2.09 -7.28 -15.61
CA ILE D 2 -3.14 -7.22 -16.63
C ILE D 2 -4.22 -6.22 -16.26
N GLN D 3 -4.41 -5.20 -17.11
CA GLN D 3 -5.43 -4.20 -16.90
C GLN D 3 -6.71 -4.58 -17.65
N PHE D 4 -7.84 -4.54 -16.95
CA PHE D 4 -9.18 -4.85 -17.47
C PHE D 4 -9.83 -3.48 -17.68
N THR D 5 -9.80 -2.95 -18.90
CA THR D 5 -10.26 -1.58 -19.16
C THR D 5 -11.80 -1.36 -19.04
N ARG D 6 -12.62 -2.43 -18.94
CA ARG D 6 -14.06 -2.29 -18.72
C ARG D 6 -14.45 -2.46 -17.21
N HIS D 7 -13.49 -2.84 -16.36
CA HIS D 7 -13.74 -3.11 -14.93
C HIS D 7 -14.33 -1.91 -14.19
N ALA D 8 -13.70 -0.73 -14.25
CA ALA D 8 -14.22 0.41 -13.50
C ALA D 8 -15.66 0.81 -13.90
N SER D 9 -15.97 0.78 -15.22
CA SER D 9 -17.32 1.06 -15.74
C SER D 9 -18.32 0.01 -15.23
N ASP D 10 -17.92 -1.27 -15.16
CA ASP D 10 -18.79 -2.33 -14.64
C ASP D 10 -19.06 -2.14 -13.14
N VAL D 11 -18.02 -1.74 -12.38
CA VAL D 11 -18.14 -1.44 -10.94
C VAL D 11 -19.15 -0.31 -10.75
N LEU D 12 -18.96 0.80 -11.49
CA LEU D 12 -19.85 1.97 -11.39
C LEU D 12 -21.30 1.63 -11.75
N LEU D 13 -21.50 0.81 -12.81
CA LEU D 13 -22.83 0.37 -13.23
C LEU D 13 -23.50 -0.39 -12.06
N ASN D 14 -22.75 -1.27 -11.38
CA ASN D 14 -23.27 -2.04 -10.25
C ASN D 14 -23.54 -1.15 -9.02
N LEU D 15 -22.70 -0.12 -8.79
CA LEU D 15 -22.93 0.83 -7.70
C LEU D 15 -24.25 1.60 -7.98
N ASN D 16 -24.53 1.93 -9.27
CA ASN D 16 -25.77 2.59 -9.65
C ASN D 16 -26.98 1.68 -9.44
N ARG D 17 -26.81 0.37 -9.71
CA ARG D 17 -27.87 -0.61 -9.48
C ARG D 17 -28.18 -0.72 -7.98
N LEU D 18 -27.14 -0.66 -7.13
CA LEU D 18 -27.32 -0.67 -5.67
C LEU D 18 -28.08 0.58 -5.24
N ARG D 19 -27.78 1.74 -5.86
CA ARG D 19 -28.48 3.00 -5.56
C ARG D 19 -29.97 2.91 -5.89
N SER D 20 -30.31 2.40 -7.10
CA SER D 20 -31.70 2.28 -7.56
C SER D 20 -32.56 1.35 -6.69
N ARG D 21 -31.91 0.36 -6.04
CA ARG D 21 -32.55 -0.63 -5.16
C ARG D 21 -32.41 -0.23 -3.70
N ASP D 22 -31.79 0.96 -3.45
CA ASP D 22 -31.57 1.50 -2.10
C ASP D 22 -30.76 0.55 -1.18
N ILE D 23 -29.79 -0.16 -1.76
CA ILE D 23 -28.96 -1.10 -1.02
C ILE D 23 -27.68 -0.42 -0.53
N LEU D 24 -27.46 -0.46 0.79
CA LEU D 24 -26.27 0.08 1.45
C LEU D 24 -26.08 1.58 1.27
N THR D 25 -27.13 2.29 0.78
CA THR D 25 -27.10 3.77 0.72
C THR D 25 -27.00 4.20 2.19
N ASP D 26 -26.16 5.21 2.47
CA ASP D 26 -25.91 5.62 3.87
C ASP D 26 -26.03 7.10 4.09
N VAL D 27 -26.52 7.86 3.09
CA VAL D 27 -26.71 9.29 3.29
C VAL D 27 -27.89 9.81 2.45
N VAL D 28 -28.57 10.81 2.98
CA VAL D 28 -29.59 11.56 2.27
C VAL D 28 -29.04 12.97 2.16
N ILE D 29 -28.93 13.47 0.93
CA ILE D 29 -28.49 14.84 0.69
C ILE D 29 -29.75 15.68 0.52
N VAL D 30 -29.89 16.72 1.34
CA VAL D 30 -31.05 17.60 1.31
C VAL D 30 -30.63 18.88 0.60
N VAL D 31 -31.33 19.18 -0.51
CA VAL D 31 -31.01 20.33 -1.36
C VAL D 31 -32.32 21.10 -1.49
N SER D 32 -32.41 22.28 -0.85
CA SER D 32 -33.63 23.11 -0.87
C SER D 32 -34.93 22.27 -0.68
N ARG D 33 -34.98 21.52 0.43
CA ARG D 33 -36.07 20.65 0.88
C ARG D 33 -36.22 19.34 0.08
N GLU D 34 -35.56 19.23 -1.09
CA GLU D 34 -35.60 17.99 -1.89
C GLU D 34 -34.56 16.99 -1.40
N GLN D 35 -34.90 15.70 -1.39
CA GLN D 35 -34.04 14.64 -0.87
C GLN D 35 -33.48 13.70 -1.92
N PHE D 36 -32.18 13.35 -1.77
CA PHE D 36 -31.46 12.44 -2.69
C PHE D 36 -30.65 11.44 -1.87
N ARG D 37 -30.88 10.18 -2.11
CA ARG D 37 -30.17 9.12 -1.40
C ARG D 37 -28.92 8.72 -2.19
N ALA D 38 -27.83 8.40 -1.48
CA ALA D 38 -26.56 8.03 -2.11
C ALA D 38 -25.64 7.22 -1.19
N HIS D 39 -24.47 6.81 -1.71
CA HIS D 39 -23.41 6.17 -0.96
C HIS D 39 -22.36 7.25 -0.71
N LYS D 40 -22.00 7.48 0.56
CA LYS D 40 -20.97 8.47 0.91
C LYS D 40 -19.67 8.20 0.14
N THR D 41 -19.28 6.91 0.00
CA THR D 41 -18.04 6.58 -0.73
C THR D 41 -18.02 7.09 -2.15
N VAL D 42 -19.15 6.96 -2.90
CA VAL D 42 -19.26 7.43 -4.29
C VAL D 42 -19.20 8.96 -4.28
N LEU D 43 -19.93 9.60 -3.36
CA LEU D 43 -19.92 11.06 -3.25
C LEU D 43 -18.50 11.61 -3.03
N MET D 44 -17.76 11.03 -2.08
CA MET D 44 -16.37 11.42 -1.76
C MET D 44 -15.45 11.20 -2.97
N ALA D 45 -15.67 10.08 -3.70
CA ALA D 45 -14.82 9.72 -4.84
C ALA D 45 -15.03 10.61 -6.05
N CYS D 46 -16.18 11.31 -6.13
CA CYS D 46 -16.54 12.19 -7.26
C CYS D 46 -16.32 13.66 -7.02
N SER D 47 -16.48 14.10 -5.78
CA SER D 47 -16.56 15.52 -5.45
C SER D 47 -15.65 15.96 -4.32
N GLY D 48 -14.83 16.96 -4.62
CA GLY D 48 -13.92 17.54 -3.63
C GLY D 48 -14.70 18.07 -2.43
N LEU D 49 -15.91 18.59 -2.68
CA LEU D 49 -16.76 19.08 -1.60
C LEU D 49 -17.22 17.94 -0.64
N PHE D 50 -17.74 16.84 -1.22
CA PHE D 50 -18.16 15.71 -0.36
C PHE D 50 -16.98 15.06 0.32
N TYR D 51 -15.82 15.04 -0.35
CA TYR D 51 -14.61 14.51 0.25
C TYR D 51 -14.29 15.32 1.55
N SER D 52 -14.34 16.66 1.47
CA SER D 52 -14.10 17.56 2.61
C SER D 52 -15.12 17.37 3.72
N ILE D 53 -16.42 17.23 3.37
CA ILE D 53 -17.51 17.04 4.33
C ILE D 53 -17.35 15.75 5.12
N PHE D 54 -17.19 14.63 4.42
CA PHE D 54 -17.12 13.32 5.06
C PHE D 54 -15.73 12.99 5.63
N THR D 55 -14.72 13.88 5.49
CA THR D 55 -13.44 13.58 6.17
C THR D 55 -13.45 14.26 7.53
N ASP D 56 -14.42 15.12 7.76
CA ASP D 56 -14.63 15.72 9.07
C ASP D 56 -15.31 14.64 9.92
N GLN D 57 -14.65 14.22 11.01
CA GLN D 57 -15.14 13.18 11.91
C GLN D 57 -16.55 13.48 12.45
N LEU D 58 -16.88 14.77 12.68
CA LEU D 58 -18.18 15.23 13.16
C LEU D 58 -19.28 14.99 12.11
N LYS D 59 -18.98 15.21 10.82
CA LYS D 59 -19.93 15.06 9.71
C LYS D 59 -19.93 13.68 9.06
N ARG D 60 -18.83 12.92 9.19
CA ARG D 60 -18.69 11.59 8.60
C ARG D 60 -19.80 10.63 9.01
N ASN D 61 -20.25 10.71 10.29
CA ASN D 61 -21.20 9.81 10.89
C ASN D 61 -22.68 10.26 10.87
N LEU D 62 -23.02 11.31 10.12
CA LEU D 62 -24.42 11.68 10.05
C LEU D 62 -25.03 11.10 8.78
N SER D 63 -26.30 10.64 8.84
CA SER D 63 -26.97 10.07 7.66
C SER D 63 -27.74 11.10 6.80
N VAL D 64 -27.74 12.38 7.21
CA VAL D 64 -28.42 13.48 6.51
C VAL D 64 -27.45 14.66 6.42
N ILE D 65 -27.24 15.20 5.22
CA ILE D 65 -26.37 16.36 4.95
C ILE D 65 -27.19 17.40 4.21
N ASN D 66 -27.20 18.64 4.73
CA ASN D 66 -27.89 19.75 4.07
C ASN D 66 -26.88 20.54 3.25
N LEU D 67 -27.15 20.70 1.95
CA LEU D 67 -26.24 21.51 1.13
C LEU D 67 -26.57 22.98 1.28
N ASP D 68 -25.65 23.86 0.82
CA ASP D 68 -25.87 25.32 0.85
C ASP D 68 -27.26 25.62 0.25
N PRO D 69 -28.09 26.47 0.90
CA PRO D 69 -29.45 26.72 0.36
C PRO D 69 -29.51 27.34 -1.04
N GLU D 70 -28.38 27.84 -1.56
CA GLU D 70 -28.31 28.43 -2.90
C GLU D 70 -28.27 27.38 -4.01
N ILE D 71 -27.93 26.11 -3.67
CA ILE D 71 -27.84 25.04 -4.64
C ILE D 71 -29.22 24.65 -5.18
N ASN D 72 -29.32 24.60 -6.51
CA ASN D 72 -30.54 24.24 -7.22
C ASN D 72 -30.66 22.71 -7.24
N PRO D 73 -31.78 22.14 -6.72
CA PRO D 73 -31.93 20.68 -6.73
C PRO D 73 -31.92 20.04 -8.12
N GLU D 74 -32.40 20.78 -9.15
CA GLU D 74 -32.40 20.31 -10.54
C GLU D 74 -30.94 20.07 -11.00
N GLY D 75 -30.07 21.01 -10.61
CA GLY D 75 -28.64 20.94 -10.89
C GLY D 75 -28.02 19.78 -10.14
N PHE D 76 -28.37 19.63 -8.86
CA PHE D 76 -27.83 18.51 -8.07
C PHE D 76 -28.23 17.16 -8.64
N ASN D 77 -29.49 17.02 -9.07
CA ASN D 77 -29.98 15.75 -9.62
C ASN D 77 -29.15 15.32 -10.82
N ILE D 78 -28.83 16.27 -11.72
CA ILE D 78 -28.04 15.98 -12.91
C ILE D 78 -26.63 15.53 -12.51
N LEU D 79 -26.01 16.23 -11.56
CA LEU D 79 -24.67 15.87 -11.09
C LEU D 79 -24.64 14.54 -10.38
N LEU D 80 -25.63 14.24 -9.53
CA LEU D 80 -25.71 12.94 -8.87
C LEU D 80 -25.82 11.79 -9.90
N ASP D 81 -26.70 11.95 -10.92
CA ASP D 81 -26.86 10.97 -11.99
C ASP D 81 -25.52 10.81 -12.73
N PHE D 82 -24.82 11.95 -13.01
CA PHE D 82 -23.51 11.89 -13.64
C PHE D 82 -22.53 11.08 -12.80
N MET D 83 -22.49 11.33 -11.48
CA MET D 83 -21.55 10.62 -10.62
C MET D 83 -21.70 9.11 -10.75
N TYR D 84 -22.94 8.61 -10.86
CA TYR D 84 -23.23 7.16 -10.89
C TYR D 84 -23.28 6.53 -12.27
N THR D 85 -23.31 7.37 -13.32
CA THR D 85 -23.46 6.86 -14.69
C THR D 85 -22.37 7.26 -15.68
N SER D 86 -21.64 8.37 -15.41
CA SER D 86 -20.64 8.97 -16.32
C SER D 86 -21.32 9.76 -17.46
N ARG D 87 -22.66 9.87 -17.44
CA ARG D 87 -23.44 10.56 -18.45
C ARG D 87 -23.95 11.89 -17.93
N LEU D 88 -23.58 12.98 -18.61
CA LEU D 88 -23.98 14.33 -18.22
C LEU D 88 -25.12 14.81 -19.12
N ASN D 89 -26.29 15.01 -18.52
CA ASN D 89 -27.49 15.47 -19.23
C ASN D 89 -27.58 17.00 -19.25
N LEU D 90 -27.41 17.59 -20.42
CA LEU D 90 -27.48 19.04 -20.53
C LEU D 90 -28.67 19.55 -21.36
N ARG D 91 -29.88 19.50 -20.81
CA ARG D 91 -31.08 20.00 -21.49
C ARG D 91 -31.04 21.52 -21.49
N GLU D 92 -31.42 22.15 -22.62
CA GLU D 92 -31.33 23.57 -22.98
C GLU D 92 -31.68 24.62 -21.90
N GLY D 93 -32.45 24.26 -20.89
CA GLY D 93 -32.86 25.16 -19.81
C GLY D 93 -32.35 24.86 -18.42
N ASN D 94 -31.38 23.94 -18.28
CA ASN D 94 -30.81 23.63 -16.96
C ASN D 94 -29.28 23.75 -16.94
N ILE D 95 -28.69 24.37 -17.98
CA ILE D 95 -27.24 24.43 -18.12
C ILE D 95 -26.59 25.30 -17.04
N MET D 96 -27.15 26.50 -16.74
CA MET D 96 -26.56 27.35 -15.70
C MET D 96 -26.64 26.67 -14.33
N ALA D 97 -27.76 25.94 -14.07
CA ALA D 97 -27.94 25.20 -12.82
C ALA D 97 -26.89 24.08 -12.71
N VAL D 98 -26.57 23.41 -13.84
CA VAL D 98 -25.52 22.37 -13.84
C VAL D 98 -24.14 23.01 -13.58
N MET D 99 -23.85 24.11 -14.27
CA MET D 99 -22.56 24.83 -14.14
C MET D 99 -22.30 25.27 -12.70
N ALA D 100 -23.26 25.99 -12.11
CA ALA D 100 -23.13 26.45 -10.72
C ALA D 100 -23.00 25.31 -9.71
N THR D 101 -23.81 24.23 -9.86
CA THR D 101 -23.76 23.07 -8.95
C THR D 101 -22.43 22.34 -9.04
N ALA D 102 -21.95 22.07 -10.26
CA ALA D 102 -20.65 21.40 -10.43
C ALA D 102 -19.50 22.23 -9.80
N MET D 103 -19.59 23.58 -9.85
CA MET D 103 -18.57 24.44 -9.25
C MET D 103 -18.57 24.25 -7.73
N TYR D 104 -19.76 24.28 -7.13
CA TYR D 104 -19.94 24.09 -5.70
C TYR D 104 -19.41 22.72 -5.29
N LEU D 105 -19.66 21.70 -6.14
CA LEU D 105 -19.21 20.32 -5.91
C LEU D 105 -17.73 20.09 -6.25
N GLN D 106 -17.05 21.13 -6.74
CA GLN D 106 -15.62 21.11 -7.09
C GLN D 106 -15.31 20.10 -8.22
N MET D 107 -16.20 20.06 -9.26
CA MET D 107 -16.09 19.15 -10.42
C MET D 107 -15.81 19.99 -11.66
N GLU D 108 -14.54 20.47 -11.72
CA GLU D 108 -13.99 21.39 -12.71
C GLU D 108 -14.22 20.96 -14.16
N HIS D 109 -14.08 19.67 -14.48
CA HIS D 109 -14.29 19.19 -15.85
C HIS D 109 -15.75 19.30 -16.29
N VAL D 110 -16.69 19.05 -15.37
CA VAL D 110 -18.12 19.20 -15.67
C VAL D 110 -18.41 20.70 -15.88
N VAL D 111 -17.82 21.56 -15.04
CA VAL D 111 -17.97 23.01 -15.17
C VAL D 111 -17.57 23.47 -16.58
N ASP D 112 -16.35 23.07 -17.02
CA ASP D 112 -15.79 23.42 -18.34
C ASP D 112 -16.75 23.02 -19.47
N THR D 113 -17.31 21.80 -19.39
CA THR D 113 -18.25 21.26 -20.38
C THR D 113 -19.54 22.09 -20.43
N ALA D 114 -20.16 22.30 -19.26
CA ALA D 114 -21.40 23.08 -19.18
C ALA D 114 -21.21 24.51 -19.68
N ARG D 115 -20.09 25.15 -19.29
CA ARG D 115 -19.74 26.52 -19.66
C ARG D 115 -19.66 26.71 -21.18
N LYS D 116 -19.11 25.71 -21.87
CA LYS D 116 -18.99 25.80 -23.32
C LYS D 116 -20.31 25.51 -24.03
N PHE D 117 -21.22 24.78 -23.36
CA PHE D 117 -22.56 24.47 -23.86
C PHE D 117 -23.43 25.72 -23.85
N ILE D 118 -23.27 26.59 -22.81
CA ILE D 118 -24.00 27.85 -22.64
C ILE D 118 -23.65 28.79 -23.81
C1 8HH E . 21.89 9.07 8.45
C2 8HH E . 23.52 7.31 9.31
C3 8HH E . 24.79 7.92 9.04
C7 8HH E . 24.57 4.30 10.80
C8 8HH E . 27.32 7.89 9.06
C9 8HH E . 27.43 9.13 8.44
C10 8HH E . 28.69 9.65 8.17
C11 8HH E . 29.80 8.93 8.55
C12 8HH E . 28.51 7.24 9.40
C 8HH E . 21.30 8.87 7.10
N 8HH E . 22.25 7.77 9.06
N2 8HH E . 23.60 6.08 9.91
N3 8HH E . 22.55 5.27 10.24
C6 8HH E . 23.18 4.18 10.79
C5 8HH E . 24.84 5.53 10.21
N1 8HH E . 26.01 6.09 9.97
C4 8HH E . 26.00 7.28 9.37
N4 8HH E . 29.73 7.73 9.16
C1 8HH F . 13.05 -14.28 1.63
C2 8HH F . 11.09 -12.68 1.86
C3 8HH F . 10.28 -13.12 0.78
C7 8HH F . 9.08 -10.04 3.11
C8 8HH F . 8.23 -12.96 -0.68
C9 8HH F . 8.62 -14.01 -1.51
C10 8HH F . 7.82 -14.40 -2.56
C11 8HH F . 6.63 -13.73 -2.77
C12 8HH F . 7.01 -12.35 -0.98
C 8HH F . 14.21 -13.77 0.84
N 8HH F . 12.32 -13.17 2.27
N2 8HH F . 10.55 -11.59 2.59
N3 8HH F . 11.11 -10.95 3.68
C6 8HH F . 10.18 -9.99 3.96
C5 8HH F . 9.33 -11.07 2.21
N1 8HH F . 8.58 -11.50 1.19
C4 8HH F . 9.06 -12.51 0.47
N4 8HH F . 6.22 -12.72 -2.00
C1 8HH G . -12.05 14.35 -4.59
C2 8HH G . -10.70 12.65 -3.27
C3 8HH G . -9.43 13.26 -3.07
C7 8HH G . -10.13 9.53 -1.70
C8 8HH G . -7.08 13.26 -2.19
C9 8HH G . -6.81 14.55 -2.64
C10 8HH G . -5.56 15.12 -2.42
C11 8HH G . -4.61 14.37 -1.74
C12 8HH G . -6.05 12.61 -1.51
C 8HH G . -12.70 14.07 -5.89
N 8HH G . -11.86 13.10 -3.90
N2 8HH G . -10.80 11.36 -2.74
N3 8HH G . -11.91 10.53 -2.78
C6 8HH G . -11.45 9.42 -2.13
C5 8HH G . -9.72 10.79 -2.09
N1 8HH G . -8.54 11.39 -1.92
C4 8HH G . -8.40 12.61 -2.40
N4 8HH G . -4.84 13.14 -1.28
C1 8HH H . -22.04 -8.78 -9.87
C2 8HH H . -23.85 -7.14 -9.46
C3 8HH H . -24.67 -7.47 -10.55
C7 8HH H . -25.68 -4.52 -8.03
C8 8HH H . -26.74 -7.17 -11.97
C9 8HH H . -26.35 -8.16 -12.88
C10 8HH H . -27.15 -8.47 -13.96
C11 8HH H . -28.33 -7.77 -14.10
C12 8HH H . -27.95 -6.55 -12.20
C 8HH H . -20.99 -9.44 -9.07
N 8HH H . -22.65 -7.70 -9.11
N2 8HH H . -24.34 -6.10 -8.68
N3 8HH H . -23.71 -5.57 -7.61
C6 8HH H . -24.55 -4.59 -7.23
C5 8HH H . -25.54 -5.51 -8.98
N1 8HH H . -26.32 -5.84 -10.00
C4 8HH H . -25.89 -6.82 -10.80
N4 8HH H . -28.74 -6.81 -13.26
#